data_3LQV
#
_entry.id   3LQV
#
_cell.length_a   101.848
_cell.length_b   112.702
_cell.length_c   82.163
_cell.angle_alpha   90.000
_cell.angle_beta   90.000
_cell.angle_gamma   90.000
#
_symmetry.space_group_name_H-M   'C 2 2 21'
#
loop_
_entity.id
_entity.type
_entity.pdbx_description
1 polymer 'Pre-mRNA branch site protein p14'
2 polymer 'Splicing factor 3B subunit 1'
3 non-polymer ADENINE
4 water water
#
loop_
_entity_poly.entity_id
_entity_poly.type
_entity_poly.pdbx_seq_one_letter_code
_entity_poly.pdbx_strand_id
1 'polypeptide(L)'
;IRLPPEVNRILYIRNLPYKITAEEMYDIFGKYGPIRQIRVGNTPETRGTAYVVYEDIFDAKNAVDHLSGFNVSNRYLVVL
YYNANRAFQKMDTKKKEEQLKLLKEKYGINTDPPK
;
A,B
2 'polypeptide(L)' SMTPEQLQAWRWEREIDERNRPLSDEELDAMFPEGYKVL P,Q
#
loop_
_chem_comp.id
_chem_comp.type
_chem_comp.name
_chem_comp.formula
ADE non-polymer ADENINE 'C5 H5 N5'
#
# COMPACT_ATOMS: atom_id res chain seq x y z
N LEU A 3 1.60 21.82 9.36
CA LEU A 3 2.83 21.48 8.59
C LEU A 3 2.95 22.21 7.25
N PRO A 4 4.15 22.75 6.97
CA PRO A 4 4.48 23.53 5.77
C PRO A 4 4.09 22.80 4.48
N PRO A 5 3.72 23.57 3.41
CA PRO A 5 3.21 22.96 2.17
C PRO A 5 4.12 21.96 1.50
N GLU A 6 5.43 22.09 1.72
CA GLU A 6 6.41 21.26 1.03
C GLU A 6 6.45 19.83 1.59
N VAL A 7 5.94 19.66 2.80
CA VAL A 7 5.83 18.35 3.41
C VAL A 7 4.95 17.46 2.54
N ASN A 8 5.42 16.24 2.33
CA ASN A 8 4.93 15.28 1.36
C ASN A 8 5.23 13.90 1.91
N ARG A 9 4.42 12.88 1.58
CA ARG A 9 4.70 11.48 1.98
C ARG A 9 5.75 10.79 1.13
N ILE A 10 6.07 11.38 -0.04
CA ILE A 10 7.16 10.89 -0.86
C ILE A 10 8.46 11.62 -0.50
N LEU A 11 9.49 10.83 -0.17
CA LEU A 11 10.82 11.36 0.15
C LEU A 11 11.77 10.89 -0.95
N TYR A 12 12.56 11.82 -1.46
CA TYR A 12 13.58 11.52 -2.41
C TYR A 12 14.92 11.45 -1.64
N ILE A 13 15.60 10.32 -1.80
CA ILE A 13 16.85 10.04 -1.10
C ILE A 13 18.05 10.07 -2.05
N ARG A 14 19.11 10.75 -1.62
CA ARG A 14 20.42 10.71 -2.27
C ARG A 14 21.54 10.26 -1.33
N ASN A 15 22.69 9.92 -1.95
CA ASN A 15 23.89 9.43 -1.29
C ASN A 15 23.62 8.11 -0.58
N LEU A 16 22.88 7.27 -1.30
CA LEU A 16 22.48 5.94 -0.84
C LEU A 16 23.53 4.92 -1.31
N PRO A 17 24.08 4.06 -0.40
CA PRO A 17 25.07 3.08 -0.89
C PRO A 17 24.51 2.22 -2.01
N TYR A 18 25.36 1.81 -2.95
CA TYR A 18 24.92 1.02 -4.09
C TYR A 18 24.42 -0.39 -3.68
N LYS A 19 24.99 -0.96 -2.61
CA LYS A 19 24.70 -2.36 -2.23
C LYS A 19 23.62 -2.54 -1.13
N ILE A 20 22.93 -1.47 -0.80
CA ILE A 20 21.91 -1.53 0.25
C ILE A 20 20.73 -2.43 -0.17
N THR A 21 20.25 -3.22 0.75
CA THR A 21 19.25 -4.23 0.41
C THR A 21 17.86 -3.72 0.73
N ALA A 22 16.88 -4.39 0.13
CA ALA A 22 15.47 -4.10 0.38
C ALA A 22 15.13 -4.12 1.87
N GLU A 23 15.70 -5.06 2.63
CA GLU A 23 15.48 -5.17 4.07
C GLU A 23 16.08 -4.01 4.88
N GLU A 24 17.31 -3.65 4.53
CA GLU A 24 17.98 -2.44 5.04
C GLU A 24 17.21 -1.17 4.77
N MET A 25 16.73 -1.00 3.54
CA MET A 25 15.85 0.12 3.21
C MET A 25 14.60 0.15 4.13
N TYR A 26 13.90 -0.98 4.29
CA TYR A 26 12.70 -1.05 5.16
C TYR A 26 12.98 -0.87 6.68
N ASP A 27 14.11 -1.41 7.17
CA ASP A 27 14.60 -1.11 8.53
C ASP A 27 14.82 0.40 8.75
N ILE A 28 15.60 1.05 7.86
CA ILE A 28 15.91 2.48 8.05
C ILE A 28 14.67 3.36 8.06
N PHE A 29 13.85 3.22 7.02
CA PHE A 29 12.74 4.12 6.80
C PHE A 29 11.48 3.67 7.53
N GLY A 30 11.32 2.36 7.71
CA GLY A 30 10.11 1.78 8.30
C GLY A 30 9.96 2.11 9.77
N LYS A 31 11.07 2.48 10.41
CA LYS A 31 11.07 2.89 11.81
C LYS A 31 10.08 4.04 12.11
N TYR A 32 9.72 4.79 11.07
CA TYR A 32 8.94 6.04 11.22
C TYR A 32 7.45 5.88 10.97
N GLY A 33 7.07 4.75 10.37
CA GLY A 33 5.70 4.34 10.17
C GLY A 33 5.51 3.46 8.96
N PRO A 34 4.31 2.86 8.79
CA PRO A 34 3.98 2.10 7.58
C PRO A 34 4.45 2.74 6.25
N ILE A 35 5.20 1.96 5.50
CA ILE A 35 5.83 2.33 4.24
C ILE A 35 4.93 1.82 3.12
N ARG A 36 4.53 2.75 2.23
CA ARG A 36 3.65 2.41 1.14
C ARG A 36 4.42 1.68 0.02
N GLN A 37 5.65 2.15 -0.25
CA GLN A 37 6.50 1.56 -1.26
C GLN A 37 7.86 2.25 -1.37
N ILE A 38 8.83 1.54 -1.94
CA ILE A 38 10.18 2.07 -2.11
C ILE A 38 10.64 1.72 -3.51
N ARG A 39 11.25 2.70 -4.15
CA ARG A 39 11.82 2.56 -5.49
C ARG A 39 13.26 2.95 -5.45
N VAL A 40 14.15 2.03 -5.85
CA VAL A 40 15.61 2.24 -5.79
C VAL A 40 16.12 2.46 -7.23
N GLY A 41 16.98 3.46 -7.42
CA GLY A 41 17.56 3.74 -8.72
C GLY A 41 18.44 2.61 -9.17
N ASN A 42 18.22 2.19 -10.41
CA ASN A 42 18.99 1.07 -10.93
C ASN A 42 19.47 1.23 -12.36
N THR A 43 19.88 2.47 -12.68
CA THR A 43 20.49 2.79 -13.97
C THR A 43 21.75 3.61 -13.66
N PRO A 44 22.67 3.81 -14.65
CA PRO A 44 23.82 4.75 -14.40
C PRO A 44 23.48 6.15 -13.86
N GLU A 45 22.42 6.76 -14.40
CA GLU A 45 21.98 8.06 -13.97
C GLU A 45 21.23 8.10 -12.68
N THR A 46 20.61 6.98 -12.27
CA THR A 46 19.79 7.00 -11.05
C THR A 46 20.30 6.24 -9.83
N ARG A 47 21.31 5.40 -10.01
CA ARG A 47 21.81 4.62 -8.89
C ARG A 47 22.38 5.52 -7.79
N GLY A 48 22.28 5.09 -6.54
CA GLY A 48 22.69 5.98 -5.45
C GLY A 48 21.52 6.80 -4.95
N THR A 49 20.36 6.65 -5.58
CA THR A 49 19.14 7.42 -5.20
C THR A 49 17.89 6.52 -5.06
N ALA A 50 16.89 7.03 -4.37
CA ALA A 50 15.69 6.23 -4.12
C ALA A 50 14.49 7.14 -3.83
N TYR A 51 13.30 6.59 -4.02
CA TYR A 51 12.07 7.20 -3.53
C TYR A 51 11.41 6.36 -2.45
N VAL A 52 11.14 6.99 -1.33
CA VAL A 52 10.50 6.36 -0.20
C VAL A 52 9.13 6.99 0.06
N VAL A 53 8.08 6.16 -0.01
CA VAL A 53 6.72 6.61 0.20
C VAL A 53 6.16 6.08 1.53
N TYR A 54 5.72 7.00 2.40
CA TYR A 54 4.92 6.69 3.60
C TYR A 54 3.42 6.60 3.30
N GLU A 55 2.73 5.76 4.09
CA GLU A 55 1.27 5.78 4.11
C GLU A 55 0.71 7.07 4.69
N ASP A 56 1.39 7.63 5.71
CA ASP A 56 0.92 8.80 6.48
C ASP A 56 1.96 9.94 6.44
N ILE A 57 1.47 11.17 6.21
CA ILE A 57 2.26 12.38 6.12
C ILE A 57 3.06 12.76 7.38
N PHE A 58 2.50 12.54 8.58
CA PHE A 58 3.18 12.83 9.84
C PHE A 58 4.35 11.89 10.14
N ASP A 59 4.27 10.65 9.65
CA ASP A 59 5.43 9.75 9.68
C ASP A 59 6.51 10.24 8.74
N ALA A 60 6.11 10.72 7.57
CA ALA A 60 7.06 11.25 6.57
C ALA A 60 7.77 12.49 7.10
N LYS A 61 7.04 13.39 7.74
CA LYS A 61 7.65 14.56 8.39
C LYS A 61 8.71 14.12 9.41
N ASN A 62 8.32 13.21 10.29
CA ASN A 62 9.19 12.61 11.30
C ASN A 62 10.48 11.94 10.78
N ALA A 63 10.38 11.23 9.67
CA ALA A 63 11.55 10.64 9.03
C ALA A 63 12.52 11.72 8.52
N VAL A 64 11.97 12.81 7.95
CA VAL A 64 12.80 13.90 7.44
C VAL A 64 13.58 14.55 8.58
N ASP A 65 12.86 14.92 9.63
CA ASP A 65 13.45 15.48 10.85
C ASP A 65 14.57 14.61 11.44
N HIS A 66 14.46 13.29 11.29
CA HIS A 66 15.41 12.38 11.94
C HIS A 66 16.47 11.75 11.03
N LEU A 67 16.21 11.63 9.73
CA LEU A 67 17.11 10.85 8.85
C LEU A 67 18.05 11.68 7.94
N SER A 68 17.83 12.99 7.84
CA SER A 68 18.69 13.84 7.04
C SER A 68 20.07 13.77 7.65
N GLY A 69 21.05 13.31 6.87
CA GLY A 69 22.42 13.17 7.37
C GLY A 69 22.61 11.92 8.20
N PHE A 70 21.70 10.95 8.04
CA PHE A 70 21.79 9.66 8.73
C PHE A 70 22.97 8.81 8.20
N ASN A 71 23.79 8.30 9.10
CA ASN A 71 24.93 7.48 8.72
C ASN A 71 24.58 6.00 8.44
N VAL A 72 24.77 5.60 7.19
CA VAL A 72 24.69 4.20 6.77
C VAL A 72 25.88 3.85 5.84
N SER A 73 26.65 2.83 6.25
CA SER A 73 27.93 2.44 5.62
C SER A 73 28.86 3.60 5.27
N ASN A 74 29.30 4.33 6.30
CA ASN A 74 30.24 5.48 6.15
C ASN A 74 29.79 6.52 5.12
N ARG A 75 28.56 6.99 5.23
CA ARG A 75 27.95 7.79 4.19
C ARG A 75 26.75 8.42 4.84
N TYR A 76 26.51 9.70 4.56
CA TYR A 76 25.45 10.44 5.20
C TYR A 76 24.30 10.68 4.22
N LEU A 77 23.10 10.17 4.50
CA LEU A 77 21.97 10.29 3.56
C LEU A 77 21.47 11.72 3.38
N VAL A 78 21.00 12.03 2.18
CA VAL A 78 20.31 13.32 1.91
C VAL A 78 18.87 12.88 1.69
N VAL A 79 17.96 13.49 2.45
CA VAL A 79 16.55 13.11 2.53
C VAL A 79 15.70 14.36 2.28
N LEU A 80 14.97 14.38 1.17
CA LEU A 80 14.29 15.59 0.70
C LEU A 80 12.84 15.23 0.38
N TYR A 81 11.94 16.19 0.46
CA TYR A 81 10.54 15.96 0.10
C TYR A 81 10.50 15.91 -1.38
N TYR A 82 9.68 14.99 -1.92
CA TYR A 82 9.39 14.97 -3.36
C TYR A 82 8.95 16.36 -3.87
N ASN A 83 9.42 16.64 -5.08
CA ASN A 83 9.10 17.84 -5.82
C ASN A 83 9.02 17.36 -7.28
N ALA A 84 7.84 17.49 -7.90
CA ALA A 84 7.59 16.94 -9.22
C ALA A 84 8.48 17.56 -10.27
N ASN A 85 8.78 18.86 -10.09
CA ASN A 85 9.64 19.62 -11.01
C ASN A 85 11.01 18.98 -11.02
N ARG A 86 11.60 18.88 -9.84
CA ARG A 86 12.84 18.18 -9.63
C ARG A 86 12.78 16.76 -10.21
N ALA A 87 11.78 15.97 -9.81
CA ALA A 87 11.59 14.57 -10.23
C ALA A 87 11.73 14.35 -11.73
N PHE A 88 11.25 15.31 -12.52
CA PHE A 88 11.29 15.22 -13.99
C PHE A 88 12.31 16.16 -14.68
N GLN A 89 13.33 16.60 -13.93
CA GLN A 89 14.49 17.41 -14.44
C GLN A 89 15.12 16.86 -15.70
N LYS A 90 15.44 15.56 -15.66
CA LYS A 90 16.19 14.86 -16.70
C LYS A 90 15.36 14.60 -17.98
N MET A 91 14.30 15.39 -18.21
CA MET A 91 13.55 15.36 -19.47
C MET A 91 13.87 16.63 -20.23
N ASP A 92 13.54 16.66 -21.52
CA ASP A 92 13.72 17.89 -22.32
C ASP A 92 12.55 18.87 -22.14
N THR A 93 12.81 20.15 -22.41
CA THR A 93 11.84 21.25 -22.17
C THR A 93 10.38 20.94 -22.51
N LYS A 94 10.16 20.37 -23.70
CA LYS A 94 8.83 20.15 -24.24
C LYS A 94 8.14 18.95 -23.58
N LYS A 95 8.88 17.86 -23.44
CA LYS A 95 8.34 16.63 -22.84
C LYS A 95 8.14 16.72 -21.31
N LYS A 96 8.97 17.52 -20.64
CA LYS A 96 8.79 17.81 -19.21
C LYS A 96 7.52 18.60 -18.92
N GLU A 97 7.34 19.71 -19.64
CA GLU A 97 6.18 20.62 -19.54
C GLU A 97 4.87 19.85 -19.66
N GLU A 98 4.86 18.83 -20.53
CA GLU A 98 3.69 17.97 -20.74
C GLU A 98 3.47 17.00 -19.58
N GLN A 99 4.56 16.46 -19.05
CA GLN A 99 4.47 15.59 -17.89
C GLN A 99 3.91 16.34 -16.67
N LEU A 100 4.46 17.53 -16.38
CA LEU A 100 4.00 18.38 -15.30
C LEU A 100 2.54 18.83 -15.46
N LYS A 101 2.17 19.21 -16.70
CA LYS A 101 0.79 19.51 -17.10
C LYS A 101 -0.15 18.33 -16.81
N LEU A 102 0.20 17.13 -17.26
CA LEU A 102 -0.54 15.90 -16.91
C LEU A 102 -0.77 15.73 -15.41
N LEU A 103 0.28 15.90 -14.62
CA LEU A 103 0.21 15.70 -13.18
C LEU A 103 -0.63 16.73 -12.42
N LYS A 104 -0.51 17.99 -12.83
CA LYS A 104 -1.31 19.08 -12.26
C LYS A 104 -2.77 18.91 -12.68
N GLU A 105 -3.02 18.62 -13.96
CA GLU A 105 -4.39 18.46 -14.46
C GLU A 105 -5.12 17.25 -13.88
N LYS A 106 -4.49 16.09 -13.94
CA LYS A 106 -5.11 14.83 -13.49
C LYS A 106 -5.10 14.59 -11.96
N TYR A 107 -4.12 15.15 -11.26
CA TYR A 107 -3.95 14.86 -9.82
C TYR A 107 -3.82 16.09 -8.93
N GLY A 108 -3.62 17.25 -9.54
CA GLY A 108 -3.51 18.51 -8.79
C GLY A 108 -2.24 18.72 -7.98
N ILE A 109 -1.15 18.09 -8.37
CA ILE A 109 0.07 18.27 -7.61
C ILE A 109 0.78 19.58 -8.01
N ASN A 110 1.49 20.19 -7.05
CA ASN A 110 2.30 21.40 -7.32
C ASN A 110 3.40 21.09 -8.32
N THR A 111 3.53 21.92 -9.34
CA THR A 111 4.56 21.71 -10.36
C THR A 111 5.63 22.81 -10.37
N ASP A 112 5.65 23.64 -9.34
CA ASP A 112 6.69 24.67 -9.16
C ASP A 112 7.98 24.02 -8.72
N PRO A 113 9.13 24.67 -9.03
CA PRO A 113 10.43 24.28 -8.46
C PRO A 113 10.46 24.44 -6.91
N PRO A 114 11.42 23.78 -6.22
CA PRO A 114 11.57 23.95 -4.75
C PRO A 114 11.67 25.40 -4.29
N LYS A 115 11.46 25.62 -2.99
CA LYS A 115 11.19 26.96 -2.44
C LYS A 115 12.39 27.91 -2.40
N ILE B 1 -28.18 -10.54 -5.41
CA ILE B 1 -27.64 -11.92 -5.18
C ILE B 1 -26.18 -12.01 -5.71
N ARG B 2 -25.90 -11.30 -6.81
CA ARG B 2 -24.61 -11.41 -7.55
C ARG B 2 -23.40 -10.66 -6.95
N LEU B 3 -22.26 -11.35 -6.85
CA LEU B 3 -21.02 -10.80 -6.30
C LEU B 3 -19.92 -10.57 -7.33
N PRO B 4 -19.39 -9.32 -7.40
CA PRO B 4 -18.27 -9.04 -8.31
C PRO B 4 -17.09 -10.00 -8.07
N PRO B 5 -16.36 -10.41 -9.14
CA PRO B 5 -15.28 -11.39 -9.03
C PRO B 5 -14.16 -11.07 -8.01
N GLU B 6 -13.87 -9.78 -7.80
CA GLU B 6 -12.78 -9.37 -6.90
C GLU B 6 -13.10 -9.65 -5.41
N VAL B 7 -14.39 -9.78 -5.10
CA VAL B 7 -14.83 -10.00 -3.72
C VAL B 7 -14.30 -11.32 -3.18
N ASN B 8 -13.72 -11.25 -1.98
CA ASN B 8 -12.95 -12.34 -1.44
C ASN B 8 -13.10 -12.35 0.10
N ARG B 9 -12.96 -13.51 0.75
CA ARG B 9 -13.02 -13.59 2.25
C ARG B 9 -11.75 -13.10 2.93
N ILE B 10 -10.66 -13.09 2.16
CA ILE B 10 -9.40 -12.50 2.60
C ILE B 10 -9.30 -10.99 2.22
N LEU B 11 -9.00 -10.19 3.25
CA LEU B 11 -8.69 -8.78 3.10
C LEU B 11 -7.21 -8.55 3.36
N TYR B 12 -6.63 -7.71 2.53
CA TYR B 12 -5.29 -7.19 2.74
C TYR B 12 -5.38 -5.79 3.37
N ILE B 13 -4.69 -5.60 4.48
CA ILE B 13 -4.75 -4.33 5.22
C ILE B 13 -3.40 -3.58 5.18
N ARG B 14 -3.44 -2.28 4.92
CA ARG B 14 -2.27 -1.40 4.94
C ARG B 14 -2.48 -0.22 5.89
N ASN B 15 -1.40 0.39 6.33
CA ASN B 15 -1.44 1.52 7.30
C ASN B 15 -1.96 1.14 8.69
N LEU B 16 -1.50 -0.02 9.15
CA LEU B 16 -1.87 -0.57 10.45
C LEU B 16 -0.86 -0.13 11.50
N PRO B 17 -1.34 0.41 12.64
CA PRO B 17 -0.38 0.84 13.65
C PRO B 17 0.55 -0.34 14.05
N TYR B 18 1.82 -0.03 14.30
CA TYR B 18 2.81 -1.08 14.56
C TYR B 18 2.51 -1.88 15.83
N LYS B 19 1.93 -1.25 16.85
CA LYS B 19 1.67 -1.96 18.11
C LYS B 19 0.19 -2.30 18.38
N ILE B 20 -0.55 -2.53 17.29
CA ILE B 20 -1.93 -3.02 17.35
C ILE B 20 -1.90 -4.45 17.88
N THR B 21 -2.76 -4.71 18.88
CA THR B 21 -2.76 -6.00 19.55
C THR B 21 -3.70 -6.95 18.82
N ALA B 22 -3.51 -8.24 19.04
CA ALA B 22 -4.41 -9.25 18.51
C ALA B 22 -5.89 -9.03 18.89
N GLU B 23 -6.18 -8.68 20.15
CA GLU B 23 -7.56 -8.36 20.60
C GLU B 23 -8.18 -7.14 19.91
N GLU B 24 -7.36 -6.11 19.69
CA GLU B 24 -7.78 -4.95 18.88
C GLU B 24 -8.21 -5.29 17.43
N MET B 25 -7.45 -6.12 16.75
CA MET B 25 -7.77 -6.53 15.38
C MET B 25 -9.12 -7.29 15.28
N TYR B 26 -9.33 -8.20 16.25
CA TYR B 26 -10.51 -9.01 16.32
C TYR B 26 -11.68 -8.13 16.63
N ASP B 27 -11.48 -7.18 17.52
CA ASP B 27 -12.53 -6.25 17.81
C ASP B 27 -12.89 -5.40 16.57
N ILE B 28 -11.89 -4.83 15.89
CA ILE B 28 -12.18 -4.03 14.68
C ILE B 28 -12.85 -4.85 13.59
N PHE B 29 -12.27 -6.01 13.27
CA PHE B 29 -12.67 -6.75 12.09
C PHE B 29 -13.81 -7.73 12.34
N GLY B 30 -13.83 -8.26 13.56
CA GLY B 30 -14.84 -9.19 13.99
C GLY B 30 -16.18 -8.52 14.17
N LYS B 31 -16.22 -7.19 14.05
CA LYS B 31 -17.48 -6.50 14.09
C LYS B 31 -18.39 -6.99 12.93
N TYR B 32 -17.78 -7.46 11.84
CA TYR B 32 -18.55 -7.69 10.60
C TYR B 32 -18.92 -9.14 10.38
N GLY B 33 -18.39 -10.01 11.23
CA GLY B 33 -18.85 -11.37 11.35
C GLY B 33 -17.70 -12.26 11.76
N PRO B 34 -17.97 -13.55 12.01
CA PRO B 34 -16.86 -14.49 12.35
C PRO B 34 -15.58 -14.39 11.53
N ILE B 35 -14.48 -14.29 12.27
CA ILE B 35 -13.14 -14.14 11.73
C ILE B 35 -12.55 -15.54 11.65
N ARG B 36 -12.11 -15.93 10.46
CA ARG B 36 -11.49 -17.24 10.26
C ARG B 36 -10.03 -17.26 10.74
N GLN B 37 -9.31 -16.16 10.56
CA GLN B 37 -7.89 -16.08 10.85
C GLN B 37 -7.40 -14.67 10.56
N ILE B 38 -6.51 -14.14 11.41
CA ILE B 38 -5.72 -12.94 11.08
C ILE B 38 -4.23 -13.24 11.13
N ARG B 39 -3.49 -12.69 10.16
CA ARG B 39 -2.06 -12.64 10.28
C ARG B 39 -1.44 -11.31 9.98
N VAL B 40 -0.45 -10.96 10.78
CA VAL B 40 0.11 -9.64 10.82
C VAL B 40 1.56 -9.72 10.38
N GLY B 41 1.96 -8.69 9.63
CA GLY B 41 3.31 -8.57 9.19
C GLY B 41 4.23 -8.43 10.37
N ASN B 42 5.27 -9.25 10.37
CA ASN B 42 6.24 -9.19 11.43
C ASN B 42 7.71 -9.07 10.95
N THR B 43 7.92 -8.64 9.70
CA THR B 43 9.28 -8.35 9.22
C THR B 43 9.32 -6.90 8.76
N PRO B 44 10.53 -6.30 8.67
CA PRO B 44 10.67 -4.92 8.13
C PRO B 44 9.92 -4.65 6.79
N GLU B 45 10.04 -5.53 5.80
CA GLU B 45 9.19 -5.46 4.59
C GLU B 45 7.67 -5.56 4.84
N THR B 46 7.21 -6.20 5.92
CA THR B 46 5.74 -6.46 6.07
C THR B 46 4.97 -5.74 7.20
N ARG B 47 5.70 -5.14 8.11
CA ARG B 47 5.18 -4.41 9.27
C ARG B 47 4.19 -3.34 8.78
N GLY B 48 2.97 -3.31 9.31
CA GLY B 48 2.05 -2.28 8.87
C GLY B 48 1.02 -2.82 7.93
N THR B 49 1.03 -4.14 7.77
CA THR B 49 0.11 -4.83 6.84
C THR B 49 -0.36 -6.07 7.51
N ALA B 50 -1.55 -6.51 7.13
CA ALA B 50 -2.14 -7.73 7.66
C ALA B 50 -2.97 -8.38 6.61
N TYR B 51 -3.26 -9.66 6.83
CA TYR B 51 -4.33 -10.38 6.15
C TYR B 51 -5.41 -10.76 7.18
N VAL B 52 -6.65 -10.43 6.87
CA VAL B 52 -7.80 -10.74 7.74
C VAL B 52 -8.74 -11.62 6.94
N VAL B 53 -9.00 -12.82 7.48
CA VAL B 53 -9.80 -13.83 6.77
C VAL B 53 -11.16 -13.98 7.47
N TYR B 54 -12.25 -13.74 6.75
CA TYR B 54 -13.59 -14.00 7.23
C TYR B 54 -14.02 -15.42 6.92
N GLU B 55 -14.93 -15.94 7.74
CA GLU B 55 -15.55 -17.22 7.49
C GLU B 55 -16.49 -17.13 6.30
N ASP B 56 -17.19 -15.98 6.19
CA ASP B 56 -18.26 -15.77 5.21
C ASP B 56 -17.99 -14.57 4.29
N ILE B 57 -18.27 -14.76 3.00
CA ILE B 57 -17.91 -13.82 1.96
C ILE B 57 -18.73 -12.53 2.01
N PHE B 58 -19.98 -12.59 2.51
CA PHE B 58 -20.79 -11.38 2.61
C PHE B 58 -20.38 -10.53 3.81
N ASP B 59 -19.87 -11.16 4.87
CA ASP B 59 -19.23 -10.43 5.97
C ASP B 59 -17.99 -9.67 5.52
N ALA B 60 -17.15 -10.29 4.70
CA ALA B 60 -15.93 -9.63 4.22
C ALA B 60 -16.26 -8.39 3.39
N LYS B 61 -17.25 -8.51 2.50
CA LYS B 61 -17.72 -7.42 1.67
C LYS B 61 -18.32 -6.27 2.49
N ASN B 62 -19.15 -6.59 3.48
CA ASN B 62 -19.60 -5.62 4.47
C ASN B 62 -18.44 -4.88 5.18
N ALA B 63 -17.38 -5.61 5.49
CA ALA B 63 -16.20 -5.05 6.12
C ALA B 63 -15.46 -4.07 5.21
N VAL B 64 -15.20 -4.46 3.96
CA VAL B 64 -14.54 -3.61 3.02
C VAL B 64 -15.31 -2.30 2.84
N ASP B 65 -16.64 -2.40 2.74
CA ASP B 65 -17.52 -1.24 2.54
C ASP B 65 -17.54 -0.25 3.69
N HIS B 66 -17.24 -0.71 4.89
CA HIS B 66 -17.34 0.15 6.05
C HIS B 66 -16.01 0.39 6.73
N LEU B 67 -15.01 -0.44 6.45
CA LEU B 67 -13.69 -0.27 7.08
C LEU B 67 -12.63 0.46 6.25
N SER B 68 -12.90 0.71 4.97
CA SER B 68 -12.00 1.56 4.16
C SER B 68 -12.00 2.97 4.71
N GLY B 69 -10.84 3.42 5.17
CA GLY B 69 -10.66 4.76 5.73
C GLY B 69 -10.72 4.80 7.25
N PHE B 70 -10.93 3.62 7.86
CA PHE B 70 -11.13 3.54 9.31
C PHE B 70 -9.97 4.11 10.13
N ASN B 71 -10.31 5.06 11.00
CA ASN B 71 -9.35 5.71 11.90
C ASN B 71 -9.03 4.84 13.11
N VAL B 72 -7.77 4.43 13.24
CA VAL B 72 -7.29 3.75 14.45
C VAL B 72 -5.90 4.31 14.75
N SER B 73 -5.70 4.77 15.99
CA SER B 73 -4.45 5.41 16.46
C SER B 73 -3.94 6.45 15.50
N ASN B 74 -4.78 7.43 15.18
CA ASN B 74 -4.38 8.60 14.43
C ASN B 74 -3.80 8.31 13.04
N ARG B 75 -4.37 7.31 12.38
CA ARG B 75 -3.99 6.89 11.03
C ARG B 75 -5.16 6.12 10.46
N TYR B 76 -5.25 6.06 9.14
CA TYR B 76 -6.45 5.60 8.49
C TYR B 76 -6.12 4.36 7.71
N LEU B 77 -6.90 3.32 7.91
CA LEU B 77 -6.61 2.02 7.36
C LEU B 77 -6.93 1.97 5.88
N VAL B 78 -6.14 1.17 5.14
CA VAL B 78 -6.42 0.85 3.74
C VAL B 78 -6.78 -0.65 3.73
N VAL B 79 -7.97 -0.94 3.20
CA VAL B 79 -8.55 -2.25 3.30
C VAL B 79 -8.87 -2.70 1.87
N LEU B 80 -8.21 -3.78 1.43
CA LEU B 80 -8.41 -4.25 0.05
C LEU B 80 -8.77 -5.73 0.02
N TYR B 81 -9.41 -6.17 -1.06
CA TYR B 81 -9.62 -7.58 -1.28
C TYR B 81 -8.28 -8.23 -1.57
N TYR B 82 -8.06 -9.43 -1.02
CA TYR B 82 -6.88 -10.19 -1.44
C TYR B 82 -6.87 -10.48 -2.95
N ASN B 83 -5.66 -10.32 -3.50
CA ASN B 83 -5.37 -10.66 -4.87
C ASN B 83 -4.05 -11.48 -4.87
N ALA B 84 -4.13 -12.74 -5.30
CA ALA B 84 -2.97 -13.66 -5.33
C ALA B 84 -1.78 -13.11 -6.13
N ASN B 85 -2.04 -12.51 -7.29
CA ASN B 85 -1.01 -11.84 -8.08
C ASN B 85 -0.29 -10.78 -7.26
N ARG B 86 -1.03 -9.89 -6.63
CA ARG B 86 -0.39 -8.89 -5.82
C ARG B 86 0.33 -9.53 -4.63
N ALA B 87 -0.31 -10.50 -3.96
CA ALA B 87 0.27 -11.21 -2.83
C ALA B 87 1.67 -11.80 -3.07
N PHE B 88 1.97 -12.25 -4.29
CA PHE B 88 3.29 -12.84 -4.58
C PHE B 88 4.14 -12.00 -5.53
N GLN B 89 3.90 -10.68 -5.56
CA GLN B 89 4.64 -9.76 -6.46
C GLN B 89 6.13 -9.67 -6.11
N LYS B 90 6.46 -9.83 -4.83
CA LYS B 90 7.82 -9.91 -4.33
C LYS B 90 8.60 -11.21 -4.59
N MET B 91 8.11 -12.06 -5.52
CA MET B 91 8.90 -13.21 -6.04
C MET B 91 9.42 -12.83 -7.43
N ASP B 92 10.57 -13.38 -7.84
CA ASP B 92 11.05 -13.15 -9.20
C ASP B 92 10.19 -13.95 -10.18
N THR B 93 9.86 -13.32 -11.32
CA THR B 93 9.08 -13.87 -12.44
C THR B 93 8.90 -15.38 -12.47
N LYS B 94 10.01 -16.11 -12.43
CA LYS B 94 10.01 -17.59 -12.44
C LYS B 94 9.24 -18.19 -11.25
N LYS B 95 9.54 -17.70 -10.04
CA LYS B 95 8.96 -18.22 -8.78
C LYS B 95 7.50 -17.84 -8.55
N LYS B 96 7.14 -16.61 -8.91
CA LYS B 96 5.76 -16.13 -8.88
C LYS B 96 4.87 -16.85 -9.88
N GLU B 97 5.44 -17.23 -11.02
CA GLU B 97 4.74 -17.99 -12.07
C GLU B 97 4.39 -19.41 -11.62
N GLU B 98 5.33 -20.05 -10.93
CA GLU B 98 5.13 -21.40 -10.38
C GLU B 98 4.05 -21.42 -9.30
N GLN B 99 4.16 -20.50 -8.33
CA GLN B 99 3.24 -20.44 -7.19
C GLN B 99 1.80 -20.17 -7.62
N LEU B 100 1.60 -19.23 -8.55
CA LEU B 100 0.26 -18.87 -9.02
C LEU B 100 -0.38 -20.03 -9.79
N LYS B 101 0.45 -20.68 -10.61
CA LYS B 101 0.04 -21.88 -11.32
C LYS B 101 -0.33 -23.02 -10.35
N LEU B 102 0.36 -23.10 -9.22
CA LEU B 102 0.09 -24.10 -8.18
C LEU B 102 -1.21 -23.83 -7.38
N LEU B 103 -1.61 -22.56 -7.25
CA LEU B 103 -2.87 -22.18 -6.61
C LEU B 103 -4.05 -22.36 -7.57
N LYS B 104 -3.81 -22.04 -8.84
CA LYS B 104 -4.78 -22.15 -9.94
C LYS B 104 -5.15 -23.60 -10.19
N GLU B 105 -4.16 -24.50 -10.11
CA GLU B 105 -4.37 -25.95 -10.27
C GLU B 105 -5.12 -26.57 -9.09
N LYS B 106 -4.65 -26.28 -7.87
CA LYS B 106 -5.13 -26.94 -6.66
C LYS B 106 -6.47 -26.42 -6.18
N TYR B 107 -6.61 -25.09 -6.17
CA TYR B 107 -7.75 -24.47 -5.48
C TYR B 107 -8.59 -23.57 -6.39
N GLY B 108 -8.28 -23.59 -7.69
CA GLY B 108 -8.99 -22.78 -8.69
C GLY B 108 -9.15 -21.33 -8.29
N ILE B 109 -8.02 -20.65 -8.07
CA ILE B 109 -7.98 -19.28 -7.55
C ILE B 109 -7.66 -18.31 -8.67
N ASN B 110 -8.40 -17.19 -8.76
CA ASN B 110 -8.12 -16.19 -9.79
C ASN B 110 -6.70 -15.70 -9.62
N THR B 111 -5.93 -15.73 -10.71
CA THR B 111 -4.52 -15.32 -10.63
C THR B 111 -4.19 -14.06 -11.44
N ASP B 112 -5.22 -13.41 -12.00
CA ASP B 112 -5.03 -12.17 -12.75
C ASP B 112 -4.80 -10.96 -11.81
N PRO B 113 -4.03 -9.96 -12.27
CA PRO B 113 -3.81 -8.75 -11.46
C PRO B 113 -5.14 -8.01 -11.22
N PRO B 114 -5.20 -7.11 -10.21
CA PRO B 114 -6.42 -6.34 -9.91
C PRO B 114 -7.11 -5.74 -11.14
N LYS B 115 -8.45 -5.75 -11.10
CA LYS B 115 -9.34 -5.40 -12.23
C LYS B 115 -8.97 -4.07 -12.88
N SER C 1 -21.17 28.41 18.07
CA SER C 1 -20.67 28.52 16.65
C SER C 1 -19.18 28.74 16.68
N MET C 2 -18.45 27.97 15.88
CA MET C 2 -16.98 28.05 15.82
C MET C 2 -16.46 29.50 15.76
N THR C 3 -15.52 29.81 16.66
CA THR C 3 -14.76 31.06 16.61
C THR C 3 -13.78 31.08 15.41
N PRO C 4 -13.15 32.25 15.15
CA PRO C 4 -12.21 32.32 14.04
C PRO C 4 -11.09 31.29 14.14
N GLU C 5 -10.66 31.05 15.39
CA GLU C 5 -9.57 30.18 15.74
C GLU C 5 -9.94 28.73 15.51
N GLN C 6 -11.18 28.38 15.90
CA GLN C 6 -11.71 27.03 15.74
C GLN C 6 -11.96 26.73 14.27
N LEU C 7 -12.38 27.76 13.53
CA LEU C 7 -12.49 27.66 12.09
C LEU C 7 -11.16 27.34 11.39
N GLN C 8 -10.09 27.97 11.87
CA GLN C 8 -8.76 27.80 11.31
C GLN C 8 -8.24 26.39 11.58
N ALA C 9 -8.51 25.87 12.79
CA ALA C 9 -8.30 24.45 13.15
C ALA C 9 -9.10 23.48 12.27
N TRP C 10 -10.37 23.76 12.09
CA TRP C 10 -11.23 22.98 11.18
C TRP C 10 -10.70 22.97 9.74
N ARG C 11 -10.18 24.13 9.30
CA ARG C 11 -9.58 24.29 7.98
C ARG C 11 -8.30 23.50 7.82
N TRP C 12 -7.41 23.58 8.79
CA TRP C 12 -6.21 22.75 8.80
C TRP C 12 -6.50 21.26 8.76
N GLU C 13 -7.47 20.80 9.57
CA GLU C 13 -7.94 19.43 9.50
C GLU C 13 -8.37 19.03 8.10
N ARG C 14 -9.18 19.85 7.45
CA ARG C 14 -9.58 19.56 6.05
C ARG C 14 -8.41 19.49 5.06
N GLU C 15 -7.46 20.43 5.18
CA GLU C 15 -6.27 20.55 4.31
C GLU C 15 -5.33 19.35 4.48
N ILE C 16 -5.00 19.08 5.74
CA ILE C 16 -4.36 17.85 6.18
C ILE C 16 -5.03 16.54 5.76
N ASP C 17 -6.36 16.48 5.67
CA ASP C 17 -7.03 15.25 5.19
C ASP C 17 -6.82 15.05 3.72
N GLU C 18 -6.89 16.13 2.96
CA GLU C 18 -6.65 16.09 1.53
C GLU C 18 -5.20 15.68 1.17
N ARG C 19 -4.25 16.04 2.01
CA ARG C 19 -2.85 15.68 1.82
C ARG C 19 -2.44 14.25 2.39
N ASN C 20 -3.41 13.52 2.95
CA ASN C 20 -3.15 12.24 3.60
C ASN C 20 -4.11 11.19 3.13
N ARG C 21 -4.70 11.42 1.96
CA ARG C 21 -5.61 10.46 1.33
C ARG C 21 -4.78 9.36 0.69
N PRO C 22 -5.33 8.12 0.62
CA PRO C 22 -4.62 7.01 -0.01
C PRO C 22 -4.49 7.20 -1.51
N LEU C 23 -3.34 6.83 -2.08
CA LEU C 23 -3.13 7.01 -3.52
C LEU C 23 -3.25 5.71 -4.27
N SER C 24 -3.85 5.76 -5.46
CA SER C 24 -3.87 4.59 -6.33
C SER C 24 -2.45 4.24 -6.72
N ASP C 25 -2.26 3.03 -7.24
CA ASP C 25 -0.99 2.65 -7.81
C ASP C 25 -0.73 3.43 -9.10
N GLU C 26 -1.82 3.83 -9.77
CA GLU C 26 -1.75 4.59 -11.01
C GLU C 26 -1.29 6.01 -10.74
N GLU C 27 -1.86 6.65 -9.72
CA GLU C 27 -1.38 7.97 -9.30
C GLU C 27 0.10 7.93 -8.92
N LEU C 28 0.44 7.03 -8.00
CA LEU C 28 1.81 6.83 -7.54
C LEU C 28 2.82 6.63 -8.66
N ASP C 29 2.53 5.74 -9.60
CA ASP C 29 3.42 5.50 -10.73
C ASP C 29 3.67 6.72 -11.63
N ALA C 30 2.64 7.54 -11.80
CA ALA C 30 2.71 8.80 -12.54
C ALA C 30 3.72 9.78 -11.94
N MET C 31 4.02 9.63 -10.66
CA MET C 31 4.82 10.60 -9.91
C MET C 31 6.34 10.50 -10.20
N PHE C 32 6.77 9.38 -10.78
CA PHE C 32 8.19 9.04 -10.80
C PHE C 32 8.79 8.95 -12.20
N PRO C 33 10.04 9.45 -12.37
CA PRO C 33 10.76 9.30 -13.63
C PRO C 33 11.23 7.84 -13.88
N GLU C 34 11.77 7.59 -15.07
CA GLU C 34 12.39 6.29 -15.37
C GLU C 34 13.60 5.98 -14.50
N GLY C 35 14.02 4.73 -14.52
CA GLY C 35 15.22 4.24 -13.83
C GLY C 35 15.10 3.89 -12.36
N TYR C 36 13.88 3.57 -11.93
CA TYR C 36 13.67 3.16 -10.52
C TYR C 36 12.99 1.78 -10.39
N LYS C 37 13.47 0.95 -9.48
CA LYS C 37 12.85 -0.35 -9.33
C LYS C 37 12.02 -0.39 -8.05
N VAL C 38 10.78 -0.82 -8.17
CA VAL C 38 9.91 -1.00 -7.01
C VAL C 38 10.40 -2.21 -6.22
N LEU C 39 10.67 -1.97 -4.94
CA LEU C 39 11.00 -3.02 -3.98
C LEU C 39 9.69 -3.69 -3.47
N THR D 3 -33.67 -24.38 -18.55
CA THR D 3 -34.13 -23.03 -19.03
C THR D 3 -33.05 -21.92 -18.86
N PRO D 4 -32.96 -20.95 -19.81
CA PRO D 4 -32.05 -19.79 -19.73
C PRO D 4 -31.81 -19.17 -18.33
N GLU D 5 -32.87 -18.79 -17.63
CA GLU D 5 -32.74 -18.14 -16.32
C GLU D 5 -32.37 -19.12 -15.20
N GLN D 6 -32.93 -20.33 -15.27
CA GLN D 6 -32.66 -21.43 -14.35
C GLN D 6 -31.18 -21.79 -14.38
N LEU D 7 -30.62 -21.80 -15.59
CA LEU D 7 -29.21 -22.10 -15.81
C LEU D 7 -28.30 -21.05 -15.19
N GLN D 8 -28.62 -19.76 -15.37
CA GLN D 8 -27.80 -18.70 -14.75
C GLN D 8 -27.85 -18.71 -13.23
N ALA D 9 -29.01 -19.10 -12.68
CA ALA D 9 -29.20 -19.31 -11.25
C ALA D 9 -28.43 -20.52 -10.76
N TRP D 10 -28.49 -21.61 -11.52
CA TRP D 10 -27.70 -22.81 -11.22
C TRP D 10 -26.19 -22.56 -11.23
N ARG D 11 -25.72 -21.77 -12.20
CA ARG D 11 -24.28 -21.45 -12.31
C ARG D 11 -23.82 -20.51 -11.21
N TRP D 12 -24.65 -19.52 -10.88
CA TRP D 12 -24.34 -18.60 -9.78
C TRP D 12 -24.34 -19.30 -8.41
N GLU D 13 -25.32 -20.15 -8.17
CA GLU D 13 -25.36 -20.92 -6.94
C GLU D 13 -24.08 -21.72 -6.75
N ARG D 14 -23.66 -22.42 -7.81
CA ARG D 14 -22.43 -23.20 -7.77
C ARG D 14 -21.19 -22.36 -7.55
N GLU D 15 -21.15 -21.16 -8.12
CA GLU D 15 -19.99 -20.26 -7.97
C GLU D 15 -19.84 -19.69 -6.56
N ILE D 16 -20.94 -19.22 -5.99
CA ILE D 16 -20.93 -18.78 -4.60
C ILE D 16 -20.61 -19.93 -3.65
N ASP D 17 -21.05 -21.14 -3.97
CA ASP D 17 -20.67 -22.32 -3.18
C ASP D 17 -19.16 -22.52 -3.19
N GLU D 18 -18.54 -22.48 -4.37
CA GLU D 18 -17.08 -22.55 -4.50
C GLU D 18 -16.41 -21.41 -3.71
N ARG D 19 -16.92 -20.19 -3.85
CA ARG D 19 -16.29 -19.01 -3.26
C ARG D 19 -16.56 -18.84 -1.76
N ASN D 20 -17.57 -19.56 -1.24
CA ASN D 20 -17.87 -19.49 0.20
C ASN D 20 -17.66 -20.81 1.00
N ARG D 21 -17.09 -21.81 0.35
CA ARG D 21 -16.72 -23.06 1.02
C ARG D 21 -15.68 -22.86 2.16
N PRO D 22 -15.79 -23.65 3.24
CA PRO D 22 -14.79 -23.66 4.33
C PRO D 22 -13.39 -23.99 3.82
N LEU D 23 -12.38 -23.37 4.42
CA LEU D 23 -11.00 -23.54 3.94
C LEU D 23 -10.15 -24.19 5.00
N SER D 24 -9.37 -25.18 4.59
CA SER D 24 -8.37 -25.79 5.46
C SER D 24 -7.22 -24.84 5.78
N ASP D 25 -6.47 -25.17 6.83
CA ASP D 25 -5.25 -24.43 7.19
C ASP D 25 -4.13 -24.61 6.17
N GLU D 26 -4.09 -25.78 5.55
CA GLU D 26 -3.17 -26.05 4.46
C GLU D 26 -3.43 -25.12 3.25
N GLU D 27 -4.68 -25.01 2.82
CA GLU D 27 -5.05 -24.12 1.72
C GLU D 27 -4.79 -22.64 2.05
N LEU D 28 -5.16 -22.25 3.26
CA LEU D 28 -4.98 -20.88 3.73
C LEU D 28 -3.50 -20.52 3.80
N ASP D 29 -2.69 -21.43 4.33
CA ASP D 29 -1.24 -21.23 4.35
C ASP D 29 -0.63 -20.96 2.97
N ALA D 30 -1.16 -21.64 1.96
CA ALA D 30 -0.73 -21.47 0.58
C ALA D 30 -0.99 -20.07 0.00
N MET D 31 -1.95 -19.33 0.56
CA MET D 31 -2.48 -18.11 -0.05
C MET D 31 -1.54 -16.90 0.19
N PHE D 32 -0.62 -17.06 1.14
CA PHE D 32 0.10 -15.93 1.73
C PHE D 32 1.59 -16.02 1.53
N PRO D 33 2.21 -14.87 1.27
CA PRO D 33 3.69 -14.74 1.17
C PRO D 33 4.31 -14.87 2.56
N GLU D 34 5.65 -14.92 2.62
CA GLU D 34 6.33 -15.04 3.89
C GLU D 34 6.25 -13.70 4.59
N GLY D 35 6.58 -13.63 5.88
CA GLY D 35 6.61 -12.35 6.59
C GLY D 35 5.39 -12.03 7.45
N TYR D 36 4.57 -13.03 7.77
CA TYR D 36 3.32 -12.79 8.52
C TYR D 36 3.16 -13.80 9.63
N LYS D 37 2.81 -13.37 10.84
CA LYS D 37 2.48 -14.32 11.91
C LYS D 37 0.94 -14.46 12.17
N VAL D 38 0.46 -15.71 12.16
CA VAL D 38 -0.93 -16.06 12.52
C VAL D 38 -1.20 -15.59 13.96
N LEU D 39 -2.26 -14.80 14.13
CA LEU D 39 -2.62 -14.20 15.40
C LEU D 39 -3.53 -15.08 16.26
N9 ADE E . 15.18 14.89 -8.24
C8 ADE E . 15.96 15.87 -7.64
N7 ADE E . 15.43 16.48 -6.58
C5 ADE E . 14.20 15.82 -6.46
C6 ADE E . 13.14 15.99 -5.52
N6 ADE E . 13.15 16.86 -4.50
N1 ADE E . 12.08 15.21 -5.68
C2 ADE E . 12.07 14.33 -6.69
N3 ADE E . 13.00 14.03 -7.62
C4 ADE E . 14.05 14.84 -7.45
N9 ADE F . -0.31 -7.05 -1.55
C8 ADE F . -0.49 -5.85 -2.20
N7 ADE F . -1.68 -5.69 -2.75
C5 ADE F . -2.33 -6.86 -2.42
C6 ADE F . -3.63 -7.32 -2.70
N6 ADE F . -4.54 -6.60 -3.39
N1 ADE F . -3.94 -8.55 -2.24
C2 ADE F . -3.05 -9.28 -1.56
N3 ADE F . -1.80 -8.94 -1.20
C4 ADE F . -1.50 -7.72 -1.68
#